data_7L25
#
_entry.id   7L25
#
_cell.length_a   90.397
_cell.length_b   97.729
_cell.length_c   71.397
_cell.angle_alpha   90.000
_cell.angle_beta   90.000
_cell.angle_gamma   90.000
#
_symmetry.space_group_name_H-M   'P 21 21 2'
#
loop_
_entity.id
_entity.type
_entity.pdbx_description
1 polymer 'Mitogen-activated protein kinase kinase kinase kinase 1'
2 non-polymer 6-(2-fluoro-6-methoxyphenyl)-1-[6-(4-methylpiperazin-1-yl)pyridin-2-yl]-1H-pyrazolo[4,3-c]pyridine
3 non-polymer 1,2-ETHANEDIOL
4 water water
#
_entity_poly.entity_id   1
_entity_poly.type   'polypeptide(L)'
_entity_poly.pdbx_seq_one_letter_code
;PDIFNRDPRDHYDLLQRLGGGTYGEVFKARDKVSGDLVALKMVKMEPDDDVSTLQKEILILKTCRHANIVAYHGSYLWLQ
KLWICMEFCGAGSLQDIYQVTGSLSELQISYVCREVLQGLAYLHSQKKIHRDIKGANILINDAGEVRLADFGISAQIGAT
LARRLAFIGTPYWMAPEVAAVALKGCYNELCDIWSLGITAIELAELQPPLFDVHPLRVLFLMTKSGYQPPRLKEKGKWSA
AFHNFIKVTLTKSPKKRPSATKMLSHQLVSQPGLNRGLILDLLDKLKNP
;
_entity_poly.pdbx_strand_id   A,B
#
# COMPACT_ATOMS: atom_id res chain seq x y z
N ASP A 2 7.83 26.85 5.72
CA ASP A 2 8.42 26.47 4.37
C ASP A 2 7.36 25.85 3.45
N ILE A 3 6.29 26.63 3.21
CA ILE A 3 5.23 26.30 2.24
C ILE A 3 5.44 27.09 0.94
N PHE A 4 5.72 26.39 -0.15
CA PHE A 4 5.83 26.98 -1.47
C PHE A 4 4.50 26.78 -2.19
N ASN A 5 4.00 27.84 -2.84
CA ASN A 5 2.85 27.73 -3.73
C ASN A 5 3.36 27.48 -5.14
N ARG A 6 3.81 26.25 -5.36
CA ARG A 6 4.37 25.84 -6.67
C ARG A 6 4.40 24.32 -6.81
N ASP A 7 4.59 23.85 -8.04
CA ASP A 7 4.71 22.40 -8.32
C ASP A 7 5.96 21.88 -7.61
N PRO A 8 5.84 20.84 -6.73
CA PRO A 8 7.06 20.21 -6.17
C PRO A 8 8.03 19.61 -7.22
N ARG A 9 7.51 19.26 -8.40
CA ARG A 9 8.34 18.84 -9.52
C ARG A 9 9.31 19.89 -10.05
N ASP A 10 9.09 21.17 -9.74
CA ASP A 10 10.10 22.20 -9.95
C ASP A 10 11.42 21.94 -9.23
N HIS A 11 11.35 21.33 -8.04
CA HIS A 11 12.52 21.02 -7.20
C HIS A 11 12.88 19.55 -7.09
N TYR A 12 11.92 18.64 -7.37
CA TYR A 12 12.14 17.21 -7.14
C TYR A 12 11.74 16.41 -8.36
N ASP A 13 12.54 15.40 -8.70
CA ASP A 13 12.16 14.38 -9.67
C ASP A 13 11.59 13.22 -8.90
N LEU A 14 10.31 12.90 -9.16
CA LEU A 14 9.72 11.69 -8.55
C LEU A 14 10.38 10.48 -9.18
N LEU A 15 10.63 9.44 -8.38
CA LEU A 15 11.28 8.21 -8.84
C LEU A 15 10.44 6.94 -8.67
N GLN A 16 9.67 6.83 -7.59
CA GLN A 16 8.92 5.63 -7.29
C GLN A 16 7.78 5.93 -6.36
N ARG A 17 6.65 5.29 -6.60
CA ARG A 17 5.53 5.33 -5.70
C ARG A 17 5.69 4.21 -4.69
N LEU A 18 5.81 4.58 -3.43
CA LEU A 18 6.12 3.65 -2.31
C LEU A 18 4.89 3.04 -1.67
N GLY A 19 3.87 3.85 -1.48
CA GLY A 19 2.66 3.44 -0.80
C GLY A 19 1.53 4.43 -0.90
N GLY A 20 0.39 3.97 -0.38
CA GLY A 20 -0.88 4.68 -0.42
C GLY A 20 -1.72 4.44 0.82
N GLY A 21 -2.84 5.17 0.87
CA GLY A 21 -3.84 5.01 1.94
C GLY A 21 -4.95 6.04 1.87
N THR A 22 -5.69 6.16 2.99
CA THR A 22 -6.69 7.21 3.18
C THR A 22 -6.04 8.60 3.30
N TYR A 23 -4.93 8.67 4.05
CA TYR A 23 -4.03 9.86 4.10
C TYR A 23 -3.63 10.43 2.72
N GLY A 24 -3.30 9.54 1.78
CA GLY A 24 -2.81 9.89 0.44
C GLY A 24 -1.62 9.02 0.02
N GLU A 25 -0.68 9.60 -0.73
CA GLU A 25 0.35 8.85 -1.49
C GLU A 25 1.76 9.21 -0.99
N VAL A 26 2.69 8.24 -0.98
CA VAL A 26 4.13 8.48 -0.63
C VAL A 26 5.12 8.06 -1.72
N PHE A 27 6.07 8.94 -2.03
CA PHE A 27 6.97 8.80 -3.17
C PHE A 27 8.42 8.93 -2.73
N LYS A 28 9.28 8.14 -3.36
CA LYS A 28 10.72 8.41 -3.38
C LYS A 28 10.93 9.46 -4.46
N ALA A 29 11.71 10.49 -4.14
CA ALA A 29 12.07 11.54 -5.09
C ALA A 29 13.52 11.94 -4.90
N ARG A 30 14.02 12.71 -5.85
CA ARG A 30 15.40 13.21 -5.83
C ARG A 30 15.38 14.71 -5.99
N ASP A 31 16.05 15.39 -5.07
CA ASP A 31 16.33 16.82 -5.19
C ASP A 31 17.10 17.07 -6.47
N LYS A 32 16.55 17.91 -7.34
CA LYS A 32 17.14 18.20 -8.66
C LYS A 32 18.47 18.95 -8.61
N VAL A 33 18.80 19.60 -7.49
CA VAL A 33 20.07 20.33 -7.30
C VAL A 33 21.12 19.40 -6.69
N SER A 34 20.82 18.94 -5.49
CA SER A 34 21.76 18.19 -4.68
C SER A 34 21.93 16.73 -5.08
N GLY A 35 20.93 16.18 -5.77
CA GLY A 35 20.82 14.75 -5.99
C GLY A 35 20.41 13.91 -4.81
N ASP A 36 20.11 14.50 -3.64
CA ASP A 36 19.78 13.74 -2.44
C ASP A 36 18.37 13.17 -2.59
N LEU A 37 18.21 11.94 -2.11
CA LEU A 37 16.91 11.32 -2.02
C LEU A 37 16.08 11.97 -0.91
N VAL A 38 14.78 12.06 -1.14
CA VAL A 38 13.78 12.52 -0.17
C VAL A 38 12.52 11.65 -0.32
N ALA A 39 11.68 11.68 0.69
CA ALA A 39 10.32 11.15 0.61
C ALA A 39 9.37 12.33 0.43
N LEU A 40 8.40 12.16 -0.46
CA LEU A 40 7.36 13.14 -0.68
C LEU A 40 6.04 12.47 -0.40
N LYS A 41 5.26 13.07 0.51
CA LYS A 41 3.97 12.57 0.96
C LYS A 41 2.94 13.53 0.36
N MET A 42 2.00 13.02 -0.43
CA MET A 42 0.92 13.82 -1.03
C MET A 42 -0.38 13.54 -0.29
N VAL A 43 -1.07 14.60 0.14
CA VAL A 43 -2.44 14.49 0.71
C VAL A 43 -3.36 15.42 -0.10
N LYS A 44 -4.55 14.94 -0.47
CA LYS A 44 -5.53 15.75 -1.19
C LYS A 44 -6.11 16.82 -0.25
N MET A 45 -6.23 18.05 -0.75
CA MET A 45 -6.86 19.14 0.00
C MET A 45 -8.36 19.10 -0.31
N GLU A 46 -9.17 19.18 0.74
CA GLU A 46 -10.62 19.31 0.59
C GLU A 46 -11.01 20.78 0.39
N PRO A 47 -12.23 21.05 -0.14
CA PRO A 47 -12.73 22.44 -0.20
C PRO A 47 -12.90 23.13 1.18
N ASP A 48 -13.25 22.35 2.21
CA ASP A 48 -13.23 22.82 3.62
C ASP A 48 -11.89 23.37 4.16
N ASP A 49 -10.76 22.83 3.68
CA ASP A 49 -9.43 23.16 4.21
C ASP A 49 -8.96 24.58 3.80
N ASP A 50 -8.29 25.26 4.74
CA ASP A 50 -7.80 26.65 4.60
C ASP A 50 -6.31 26.81 4.96
N VAL A 51 -5.63 27.71 4.26
CA VAL A 51 -4.18 27.89 4.40
C VAL A 51 -3.73 28.47 5.76
N SER A 52 -4.63 29.18 6.46
CA SER A 52 -4.33 29.73 7.80
C SER A 52 -4.11 28.63 8.86
N THR A 53 -4.99 27.62 8.88
CA THR A 53 -4.85 26.41 9.74
C THR A 53 -3.71 25.47 9.27
N LEU A 54 -3.42 25.53 7.97
CA LEU A 54 -2.35 24.74 7.38
C LEU A 54 -0.97 25.24 7.81
N GLN A 55 -0.75 26.56 7.74
CA GLN A 55 0.53 27.18 8.12
C GLN A 55 0.97 26.79 9.54
N LYS A 56 0.03 26.87 10.49
CA LYS A 56 0.28 26.50 11.90
C LYS A 56 0.65 25.03 12.07
N GLU A 57 -0.14 24.14 11.43
CA GLU A 57 0.15 22.70 11.41
C GLU A 57 1.51 22.39 10.78
N ILE A 58 1.82 23.08 9.69
CA ILE A 58 3.11 22.94 9.00
C ILE A 58 4.27 23.50 9.85
N LEU A 59 4.06 24.62 10.55
CA LEU A 59 5.09 25.17 11.43
C LEU A 59 5.51 24.17 12.50
N ILE A 60 4.55 23.48 13.13
CA ILE A 60 4.88 22.49 14.18
C ILE A 60 5.73 21.31 13.62
N LEU A 61 5.45 20.87 12.38
CA LEU A 61 6.28 19.89 11.68
C LEU A 61 7.76 20.30 11.57
N LYS A 62 8.00 21.59 11.33
CA LYS A 62 9.35 22.16 11.24
C LYS A 62 10.07 22.21 12.59
N THR A 63 9.35 22.54 13.67
CA THR A 63 9.95 22.76 14.99
C THR A 63 10.10 21.52 15.89
N CYS A 64 9.25 20.49 15.72
CA CYS A 64 9.31 19.28 16.56
C CYS A 64 10.33 18.30 15.95
N ARG A 65 11.60 18.63 16.26
CA ARG A 65 12.84 18.18 15.63
C ARG A 65 13.75 17.33 16.57
N HIS A 66 14.11 16.13 16.11
CA HIS A 66 15.01 15.23 16.83
C HIS A 66 15.61 14.22 15.86
N ALA A 67 16.81 13.76 16.16
CA ALA A 67 17.52 12.81 15.26
C ALA A 67 16.75 11.52 14.96
N ASN A 68 16.01 11.02 15.94
CA ASN A 68 15.16 9.84 15.79
C ASN A 68 13.71 10.06 15.29
N ILE A 69 13.46 11.24 14.70
CA ILE A 69 12.18 11.51 14.04
C ILE A 69 12.53 11.98 12.63
N VAL A 70 11.84 11.41 11.63
CA VAL A 70 12.00 11.81 10.23
C VAL A 70 11.97 13.33 10.14
N ALA A 71 13.02 13.90 9.54
CA ALA A 71 13.15 15.36 9.41
C ALA A 71 12.21 15.91 8.34
N TYR A 72 11.55 17.01 8.66
CA TYR A 72 10.74 17.77 7.72
C TYR A 72 11.66 18.72 6.94
N HIS A 73 11.52 18.76 5.62
CA HIS A 73 12.25 19.71 4.73
C HIS A 73 11.45 20.89 4.22
N GLY A 74 10.19 20.64 3.87
CA GLY A 74 9.39 21.68 3.22
C GLY A 74 8.06 21.11 2.76
N SER A 75 7.18 22.00 2.29
N SER A 75 7.17 21.99 2.30
CA SER A 75 5.86 21.64 1.82
CA SER A 75 5.87 21.62 1.80
C SER A 75 5.53 22.42 0.57
C SER A 75 5.52 22.42 0.57
N TYR A 76 4.65 21.84 -0.25
CA TYR A 76 4.19 22.42 -1.52
C TYR A 76 2.69 22.33 -1.55
N LEU A 77 2.04 23.44 -1.90
CA LEU A 77 0.61 23.47 -2.13
C LEU A 77 0.42 23.73 -3.63
N TRP A 78 -0.18 22.76 -4.34
CA TRP A 78 -0.28 22.78 -5.79
C TRP A 78 -1.46 21.92 -6.29
N LEU A 79 -2.37 22.53 -7.03
CA LEU A 79 -3.54 21.85 -7.62
C LEU A 79 -4.31 21.04 -6.57
N GLN A 80 -4.66 21.73 -5.48
CA GLN A 80 -5.42 21.17 -4.35
C GLN A 80 -4.82 19.89 -3.73
N LYS A 81 -3.49 19.81 -3.74
CA LYS A 81 -2.75 18.69 -3.16
C LYS A 81 -1.64 19.30 -2.33
N LEU A 82 -1.48 18.77 -1.11
CA LEU A 82 -0.38 19.16 -0.23
C LEU A 82 0.69 18.09 -0.30
N TRP A 83 1.93 18.51 -0.61
CA TRP A 83 3.07 17.62 -0.65
C TRP A 83 3.98 17.97 0.51
N ILE A 84 4.32 17.01 1.36
CA ILE A 84 5.25 17.21 2.46
C ILE A 84 6.55 16.49 2.08
N CYS A 85 7.65 17.23 2.11
CA CYS A 85 8.97 16.75 1.79
C CYS A 85 9.75 16.42 3.04
N MET A 86 10.34 15.22 3.06
CA MET A 86 11.00 14.74 4.25
C MET A 86 12.15 13.82 3.96
N GLU A 87 12.96 13.64 5.01
CA GLU A 87 14.15 12.77 5.00
C GLU A 87 13.81 11.37 4.51
N PHE A 88 14.62 10.81 3.61
CA PHE A 88 14.32 9.52 3.00
C PHE A 88 14.84 8.37 3.87
N CYS A 89 13.99 7.37 4.12
CA CYS A 89 14.32 6.17 4.91
C CYS A 89 14.14 4.94 4.05
N GLY A 90 15.19 4.64 3.30
CA GLY A 90 15.14 3.74 2.18
C GLY A 90 14.79 2.29 2.42
N ALA A 91 14.98 1.77 3.63
CA ALA A 91 14.62 0.37 3.90
C ALA A 91 13.14 0.22 4.29
N GLY A 92 12.39 1.33 4.40
CA GLY A 92 10.99 1.29 4.78
C GLY A 92 10.83 1.10 6.26
N SER A 93 9.67 0.58 6.63
CA SER A 93 9.33 0.41 8.02
C SER A 93 9.89 -0.90 8.52
N LEU A 94 9.94 -1.03 9.83
CA LEU A 94 10.31 -2.32 10.44
C LEU A 94 9.39 -3.47 10.08
N GLN A 95 8.09 -3.18 9.90
CA GLN A 95 7.15 -4.16 9.36
C GLN A 95 7.54 -4.61 7.95
N ASP A 96 7.86 -3.68 7.08
CA ASP A 96 8.36 -4.02 5.72
C ASP A 96 9.58 -4.96 5.80
N ILE A 97 10.44 -4.74 6.79
CA ILE A 97 11.66 -5.50 6.94
C ILE A 97 11.39 -6.88 7.52
N TYR A 98 10.74 -6.95 8.69
CA TYR A 98 10.58 -8.26 9.35
C TYR A 98 9.68 -9.23 8.60
N GLN A 99 8.70 -8.70 7.89
CA GLN A 99 7.88 -9.55 7.00
C GLN A 99 8.68 -10.26 5.93
N VAL A 100 9.85 -9.69 5.59
CA VAL A 100 10.79 -10.33 4.66
C VAL A 100 11.89 -11.13 5.40
N THR A 101 12.53 -10.53 6.40
CA THR A 101 13.72 -11.18 7.05
C THR A 101 13.36 -12.26 8.09
N GLY A 102 12.16 -12.18 8.67
CA GLY A 102 11.85 -12.89 9.89
C GLY A 102 12.29 -12.11 11.10
N SER A 103 12.16 -12.72 12.26
CA SER A 103 12.26 -12.02 13.53
C SER A 103 13.64 -11.39 13.72
N LEU A 104 13.65 -10.20 14.30
CA LEU A 104 14.92 -9.51 14.58
C LEU A 104 15.68 -10.23 15.71
N SER A 105 17.00 -10.06 15.73
CA SER A 105 17.84 -10.56 16.82
C SER A 105 17.58 -9.72 18.07
N GLU A 106 17.93 -10.24 19.24
CA GLU A 106 17.74 -9.45 20.48
C GLU A 106 18.51 -8.13 20.45
N LEU A 107 19.75 -8.17 19.97
CA LEU A 107 20.53 -6.94 19.85
C LEU A 107 19.91 -5.92 18.89
N GLN A 108 19.38 -6.38 17.77
CA GLN A 108 18.70 -5.48 16.80
C GLN A 108 17.48 -4.81 17.41
N ILE A 109 16.70 -5.60 18.16
CA ILE A 109 15.52 -5.09 18.88
C ILE A 109 15.95 -4.08 19.96
N SER A 110 17.03 -4.41 20.67
CA SER A 110 17.57 -3.52 21.71
C SER A 110 17.95 -2.15 21.16
N TYR A 111 18.63 -2.14 20.02
CA TYR A 111 19.02 -0.91 19.33
C TYR A 111 17.81 -0.13 18.89
N VAL A 112 16.84 -0.81 18.26
CA VAL A 112 15.61 -0.13 17.83
C VAL A 112 14.89 0.49 19.03
N CYS A 113 14.72 -0.28 20.10
CA CYS A 113 14.09 0.25 21.33
C CYS A 113 14.82 1.44 21.91
N ARG A 114 16.15 1.42 21.90
CA ARG A 114 16.90 2.57 22.40
C ARG A 114 16.64 3.81 21.60
N GLU A 115 16.67 3.67 20.29
CA GLU A 115 16.46 4.77 19.38
C GLU A 115 15.05 5.36 19.48
N VAL A 116 14.06 4.49 19.55
CA VAL A 116 12.67 4.91 19.74
C VAL A 116 12.49 5.63 21.08
N LEU A 117 13.06 5.06 22.13
CA LEU A 117 13.03 5.73 23.46
C LEU A 117 13.65 7.11 23.48
N GLN A 118 14.74 7.32 22.73
CA GLN A 118 15.32 8.67 22.59
C GLN A 118 14.34 9.63 21.95
N GLY A 119 13.66 9.18 20.90
CA GLY A 119 12.56 9.94 20.29
C GLY A 119 11.43 10.24 21.26
N LEU A 120 10.99 9.23 21.99
CA LEU A 120 9.94 9.38 23.00
C LEU A 120 10.35 10.31 24.12
N ALA A 121 11.58 10.20 24.61
CA ALA A 121 12.04 11.08 25.67
C ALA A 121 11.97 12.54 25.21
N TYR A 122 12.35 12.81 23.96
CA TYR A 122 12.19 14.13 23.36
C TYR A 122 10.71 14.54 23.33
N LEU A 123 9.86 13.70 22.74
CA LEU A 123 8.43 14.05 22.60
C LEU A 123 7.77 14.28 23.95
N HIS A 124 8.04 13.40 24.90
CA HIS A 124 7.49 13.54 26.25
C HIS A 124 7.96 14.81 26.96
N SER A 125 9.23 15.19 26.75
CA SER A 125 9.75 16.48 27.23
C SER A 125 9.05 17.70 26.67
N GLN A 126 8.48 17.55 25.48
CA GLN A 126 7.66 18.59 24.82
C GLN A 126 6.17 18.48 25.16
N LYS A 127 5.81 17.60 26.11
CA LYS A 127 4.44 17.30 26.50
C LYS A 127 3.55 16.76 25.34
N LYS A 128 4.16 15.97 24.46
CA LYS A 128 3.46 15.38 23.33
C LYS A 128 3.33 13.89 23.62
N ILE A 129 2.19 13.30 23.26
CA ILE A 129 1.98 11.86 23.33
C ILE A 129 1.97 11.43 21.88
N HIS A 130 2.82 10.44 21.53
CA HIS A 130 2.89 9.90 20.17
C HIS A 130 1.63 9.11 19.81
N ARG A 131 1.27 8.14 20.64
CA ARG A 131 0.01 7.36 20.55
C ARG A 131 -0.04 6.33 19.42
N ASP A 132 1.03 6.22 18.64
CA ASP A 132 1.07 5.45 17.37
C ASP A 132 2.36 4.67 17.18
N ILE A 133 2.99 4.27 18.29
CA ILE A 133 4.23 3.51 18.26
C ILE A 133 3.87 2.08 17.89
N LYS A 134 4.49 1.64 16.80
CA LYS A 134 4.33 0.28 16.25
C LYS A 134 5.38 0.10 15.13
N GLY A 135 5.64 -1.15 14.77
CA GLY A 135 6.67 -1.50 13.76
C GLY A 135 6.45 -0.80 12.39
N ALA A 136 5.19 -0.66 12.00
CA ALA A 136 4.83 0.01 10.75
C ALA A 136 5.15 1.50 10.70
N ASN A 137 5.30 2.14 11.86
CA ASN A 137 5.55 3.59 11.96
C ASN A 137 6.97 3.93 12.39
N ILE A 138 7.87 2.94 12.39
CA ILE A 138 9.28 3.13 12.66
C ILE A 138 9.99 2.81 11.37
N LEU A 139 10.75 3.77 10.87
CA LEU A 139 11.46 3.64 9.59
C LEU A 139 12.95 3.42 9.80
N ILE A 140 13.57 2.80 8.80
CA ILE A 140 15.00 2.52 8.77
C ILE A 140 15.59 3.10 7.51
N ASN A 141 16.64 3.90 7.63
CA ASN A 141 17.35 4.39 6.45
C ASN A 141 18.42 3.37 6.01
N ASP A 142 19.02 3.65 4.86
CA ASP A 142 20.06 2.78 4.27
C ASP A 142 21.37 2.71 5.10
N ALA A 143 21.60 3.69 5.98
CA ALA A 143 22.69 3.63 6.98
C ALA A 143 22.36 2.83 8.26
N GLY A 144 21.17 2.24 8.35
CA GLY A 144 20.73 1.53 9.53
C GLY A 144 20.25 2.37 10.69
N GLU A 145 19.96 3.64 10.45
CA GLU A 145 19.47 4.53 11.51
C GLU A 145 17.94 4.43 11.62
N VAL A 146 17.44 4.69 12.82
CA VAL A 146 16.06 4.46 13.22
C VAL A 146 15.36 5.81 13.33
N ARG A 147 14.20 5.93 12.68
CA ARG A 147 13.43 7.18 12.65
C ARG A 147 11.96 6.89 12.83
N LEU A 148 11.32 7.55 13.78
CA LEU A 148 9.85 7.56 13.80
C LEU A 148 9.36 8.28 12.59
N ALA A 149 8.34 7.73 11.93
CA ALA A 149 7.78 8.32 10.73
C ALA A 149 7.34 9.76 10.94
N ASP A 150 6.78 10.03 12.13
CA ASP A 150 6.43 11.39 12.52
C ASP A 150 6.32 11.43 14.04
N PHE A 151 5.95 12.59 14.59
CA PHE A 151 5.70 12.70 16.05
C PHE A 151 4.34 12.20 16.56
N GLY A 152 3.59 11.52 15.68
CA GLY A 152 2.47 10.66 16.07
C GLY A 152 1.13 11.23 15.69
N ILE A 153 0.10 10.85 16.43
CA ILE A 153 -1.29 11.24 16.11
C ILE A 153 -1.47 12.77 15.93
N SER A 154 -0.79 13.57 16.78
CA SER A 154 -0.91 15.03 16.71
C SER A 154 -0.12 15.70 15.57
N ALA A 155 0.72 14.95 14.85
CA ALA A 155 1.30 15.42 13.60
C ALA A 155 0.33 15.37 12.41
N GLN A 156 -0.81 14.68 12.53
CA GLN A 156 -1.71 14.50 11.38
C GLN A 156 -2.47 15.80 11.12
N ILE A 157 -2.76 16.05 9.84
CA ILE A 157 -3.32 17.33 9.36
C ILE A 157 -4.77 17.13 8.86
N GLY A 158 -5.62 18.11 9.11
CA GLY A 158 -6.95 18.20 8.53
C GLY A 158 -7.85 16.97 8.72
N ALA A 159 -8.40 16.47 7.61
CA ALA A 159 -9.32 15.34 7.66
C ALA A 159 -8.68 14.06 8.15
N THR A 160 -7.37 13.87 7.92
CA THR A 160 -6.67 12.69 8.44
C THR A 160 -6.62 12.74 9.97
N LEU A 161 -6.31 13.90 10.53
CA LEU A 161 -6.40 14.10 12.00
C LEU A 161 -7.82 13.81 12.52
N ALA A 162 -8.84 14.34 11.85
CA ALA A 162 -10.25 14.11 12.23
C ALA A 162 -10.62 12.61 12.28
N ARG A 163 -10.21 11.87 11.25
CA ARG A 163 -10.41 10.42 11.22
C ARG A 163 -9.70 9.70 12.36
N ARG A 164 -8.48 10.14 12.65
CA ARG A 164 -7.74 9.62 13.77
C ARG A 164 -8.38 9.86 15.13
N LEU A 165 -9.08 10.98 15.29
CA LEU A 165 -9.86 11.22 16.50
C LEU A 165 -11.17 10.41 16.51
N ALA A 166 -11.84 10.27 15.35
CA ALA A 166 -13.13 9.58 15.25
C ALA A 166 -13.09 8.07 15.50
N PHE A 167 -12.01 7.43 15.06
CA PHE A 167 -11.86 5.97 15.06
C PHE A 167 -10.55 5.69 15.76
N ILE A 168 -10.60 4.96 16.87
CA ILE A 168 -9.37 4.66 17.61
C ILE A 168 -8.45 3.71 16.81
N GLY A 169 -9.04 2.93 15.89
CA GLY A 169 -8.30 2.06 15.00
C GLY A 169 -7.91 0.79 15.72
N THR A 170 -6.92 0.13 15.17
CA THR A 170 -6.46 -1.16 15.66
C THR A 170 -5.90 -1.07 17.11
N PRO A 171 -6.31 -1.96 18.04
CA PRO A 171 -5.91 -1.83 19.45
C PRO A 171 -4.70 -2.62 19.91
N TYR A 172 -4.03 -3.37 19.04
CA TYR A 172 -3.05 -4.37 19.51
C TYR A 172 -1.81 -3.74 20.23
N TRP A 173 -1.47 -2.50 19.88
CA TRP A 173 -0.34 -1.74 20.45
C TRP A 173 -0.74 -0.72 21.51
N MET A 174 -2.05 -0.62 21.80
CA MET A 174 -2.61 0.36 22.68
C MET A 174 -2.49 -0.08 24.12
N ALA A 175 -2.16 0.87 24.99
CA ALA A 175 -2.13 0.65 26.42
C ALA A 175 -3.60 0.47 26.88
N PRO A 176 -3.88 -0.39 27.87
CA PRO A 176 -5.26 -0.59 28.31
C PRO A 176 -5.98 0.67 28.74
N GLU A 177 -5.27 1.59 29.42
CA GLU A 177 -5.84 2.89 29.80
C GLU A 177 -6.25 3.75 28.59
N VAL A 178 -5.63 3.56 27.43
CA VAL A 178 -6.02 4.26 26.20
C VAL A 178 -7.33 3.67 25.68
N ALA A 179 -7.34 2.35 25.53
CA ALA A 179 -8.54 1.57 25.14
C ALA A 179 -9.76 1.90 25.97
N ALA A 180 -9.58 2.02 27.29
CA ALA A 180 -10.68 2.23 28.24
C ALA A 180 -10.94 3.70 28.65
N VAL A 181 -10.51 4.69 27.85
CA VAL A 181 -10.54 6.11 28.30
C VAL A 181 -11.94 6.66 28.68
N ALA A 182 -12.99 6.19 28.00
CA ALA A 182 -14.37 6.53 28.40
C ALA A 182 -14.80 6.03 29.80
N LEU A 183 -14.26 4.88 30.20
CA LEU A 183 -14.85 4.05 31.26
C LEU A 183 -14.12 4.15 32.60
N LYS A 184 -12.80 3.98 32.57
CA LYS A 184 -11.90 4.24 33.68
C LYS A 184 -11.42 5.70 33.60
N GLY A 185 -10.43 6.04 34.43
CA GLY A 185 -9.72 7.33 34.35
C GLY A 185 -8.73 7.42 33.20
N CYS A 186 -8.25 8.62 32.91
CA CYS A 186 -7.70 8.94 31.58
C CYS A 186 -6.24 8.49 31.39
N TYR A 187 -5.53 8.98 30.37
CA TYR A 187 -4.17 8.49 30.11
C TYR A 187 -3.21 9.60 29.87
N ASN A 188 -1.95 9.23 29.81
CA ASN A 188 -0.86 10.18 29.65
C ASN A 188 0.21 9.57 28.76
N GLU A 189 1.35 10.24 28.69
CA GLU A 189 2.43 9.84 27.80
C GLU A 189 3.01 8.44 28.01
N LEU A 190 2.79 7.87 29.21
CA LEU A 190 3.28 6.51 29.49
C LEU A 190 2.59 5.45 28.67
N CYS A 191 1.46 5.77 28.04
CA CYS A 191 0.91 4.89 26.99
C CYS A 191 1.91 4.52 25.88
N ASP A 192 2.80 5.46 25.51
CA ASP A 192 3.85 5.17 24.50
C ASP A 192 4.85 4.12 24.90
N ILE A 193 5.10 4.03 26.21
CA ILE A 193 6.03 3.05 26.75
C ILE A 193 5.43 1.63 26.60
N TRP A 194 4.16 1.49 26.92
CA TRP A 194 3.42 0.26 26.69
C TRP A 194 3.50 -0.14 25.22
N SER A 195 3.18 0.81 24.34
CA SER A 195 3.27 0.59 22.90
C SER A 195 4.65 0.09 22.45
N LEU A 196 5.71 0.65 23.04
CA LEU A 196 7.06 0.19 22.74
C LEU A 196 7.30 -1.25 23.16
N GLY A 197 6.80 -1.65 24.32
CA GLY A 197 6.83 -3.03 24.78
C GLY A 197 6.16 -3.98 23.82
N ILE A 198 4.97 -3.58 23.34
CA ILE A 198 4.26 -4.36 22.32
C ILE A 198 5.08 -4.48 21.05
N THR A 199 5.66 -3.36 20.62
CA THR A 199 6.51 -3.31 19.46
C THR A 199 7.71 -4.24 19.55
N ALA A 200 8.35 -4.29 20.72
CA ALA A 200 9.47 -5.24 20.96
C ALA A 200 9.01 -6.70 20.75
N ILE A 201 7.81 -7.03 21.24
CA ILE A 201 7.24 -8.39 20.96
C ILE A 201 6.97 -8.58 19.46
N GLU A 202 6.42 -7.57 18.82
CA GLU A 202 6.13 -7.60 17.40
C GLU A 202 7.40 -7.91 16.59
N LEU A 203 8.50 -7.27 16.95
CA LEU A 203 9.78 -7.48 16.24
C LEU A 203 10.39 -8.85 16.51
N ALA A 204 10.13 -9.35 17.72
CA ALA A 204 10.53 -10.71 18.14
C ALA A 204 9.69 -11.83 17.52
N GLU A 205 8.39 -11.60 17.35
CA GLU A 205 7.44 -12.68 17.00
C GLU A 205 6.66 -12.47 15.71
N LEU A 206 6.90 -11.35 15.02
CA LEU A 206 6.27 -11.00 13.73
C LEU A 206 4.82 -10.52 13.81
N GLN A 207 4.29 -10.37 15.01
CA GLN A 207 2.96 -9.78 15.22
C GLN A 207 2.82 -9.42 16.68
N PRO A 208 1.93 -8.45 16.99
CA PRO A 208 1.70 -8.16 18.41
C PRO A 208 0.90 -9.26 19.09
N PRO A 209 0.89 -9.28 20.44
CA PRO A 209 0.06 -10.28 21.13
C PRO A 209 -1.41 -10.12 20.77
N LEU A 210 -2.10 -11.25 20.73
CA LEU A 210 -3.54 -11.33 20.41
C LEU A 210 -3.90 -10.89 18.98
N PHE A 211 -2.95 -10.89 18.05
CA PHE A 211 -3.19 -10.42 16.66
C PHE A 211 -4.23 -11.23 15.90
N ASP A 212 -4.38 -12.50 16.27
CA ASP A 212 -5.38 -13.38 15.69
C ASP A 212 -6.77 -13.24 16.35
N VAL A 213 -6.88 -12.49 17.45
CA VAL A 213 -8.17 -12.18 18.10
C VAL A 213 -8.77 -10.94 17.39
N HIS A 214 -10.09 -10.96 17.21
CA HIS A 214 -10.85 -9.86 16.60
C HIS A 214 -10.57 -8.54 17.36
N PRO A 215 -10.29 -7.42 16.65
CA PRO A 215 -9.89 -6.19 17.35
C PRO A 215 -10.92 -5.60 18.34
N LEU A 216 -12.21 -5.64 18.03
CA LEU A 216 -13.28 -5.33 19.01
C LEU A 216 -13.27 -6.18 20.28
N ARG A 217 -12.93 -7.46 20.15
CA ARG A 217 -12.80 -8.35 21.30
C ARG A 217 -11.59 -7.96 22.18
N VAL A 218 -10.46 -7.63 21.55
CA VAL A 218 -9.25 -7.18 22.25
C VAL A 218 -9.54 -5.88 23.01
N LEU A 219 -10.17 -4.94 22.31
CA LEU A 219 -10.55 -3.65 22.89
C LEU A 219 -11.43 -3.82 24.11
N PHE A 220 -12.46 -4.65 23.95
CA PHE A 220 -13.34 -5.07 25.06
C PHE A 220 -12.59 -5.67 26.27
N LEU A 221 -11.69 -6.61 26.03
CA LEU A 221 -10.90 -7.26 27.13
C LEU A 221 -10.04 -6.28 27.92
N MET A 222 -9.47 -5.29 27.24
CA MET A 222 -8.70 -4.19 27.89
C MET A 222 -9.46 -3.32 28.90
N THR A 223 -10.79 -3.24 28.74
CA THR A 223 -11.72 -2.61 29.69
C THR A 223 -11.85 -3.34 31.03
N LYS A 224 -11.69 -4.66 31.05
CA LYS A 224 -11.97 -5.45 32.26
C LYS A 224 -10.80 -5.39 33.22
N SER A 225 -11.09 -5.59 34.51
CA SER A 225 -10.10 -5.43 35.60
C SER A 225 -8.90 -6.37 35.47
N GLY A 226 -9.14 -7.62 35.08
CA GLY A 226 -8.11 -8.63 35.00
C GLY A 226 -7.50 -8.84 33.63
N TYR A 227 -7.29 -7.75 32.87
CA TYR A 227 -6.50 -7.83 31.66
C TYR A 227 -5.05 -8.09 32.09
N GLN A 228 -4.45 -9.14 31.52
CA GLN A 228 -3.08 -9.52 31.83
C GLN A 228 -2.20 -8.92 30.79
N PRO A 229 -1.12 -8.22 31.20
CA PRO A 229 -0.12 -7.84 30.23
C PRO A 229 0.45 -9.05 29.47
N PRO A 230 0.69 -8.91 28.16
CA PRO A 230 1.28 -10.04 27.42
C PRO A 230 2.74 -10.27 27.72
N ARG A 231 3.22 -11.42 27.26
CA ARG A 231 4.61 -11.86 27.45
C ARG A 231 5.14 -12.44 26.15
N LEU A 232 6.45 -12.58 26.04
CA LEU A 232 7.08 -13.31 24.92
C LEU A 232 6.69 -14.78 24.99
N LYS A 233 6.40 -15.38 23.84
CA LYS A 233 5.98 -16.78 23.75
C LYS A 233 7.10 -17.77 24.05
N GLU A 234 8.31 -17.51 23.58
CA GLU A 234 9.47 -18.42 23.76
C GLU A 234 10.30 -17.99 24.97
N LYS A 235 10.47 -18.88 25.94
CA LYS A 235 11.26 -18.58 27.14
C LYS A 235 12.77 -18.53 26.82
N GLY A 236 13.28 -19.63 26.25
CA GLY A 236 14.72 -19.87 26.10
C GLY A 236 15.46 -19.06 25.06
N LYS A 237 14.73 -18.46 24.13
CA LYS A 237 15.33 -17.67 23.05
C LYS A 237 15.98 -16.36 23.50
N TRP A 238 15.42 -15.72 24.52
CA TRP A 238 15.71 -14.33 24.88
C TRP A 238 16.42 -14.22 26.23
N SER A 239 17.20 -13.16 26.43
CA SER A 239 17.91 -12.94 27.70
C SER A 239 16.94 -12.53 28.80
N ALA A 240 17.38 -12.67 30.05
CA ALA A 240 16.66 -12.14 31.21
C ALA A 240 16.38 -10.63 31.09
N ALA A 241 17.33 -9.89 30.52
CA ALA A 241 17.17 -8.46 30.26
C ALA A 241 16.03 -8.16 29.30
N PHE A 242 15.88 -8.96 28.24
CA PHE A 242 14.81 -8.75 27.30
C PHE A 242 13.43 -9.05 27.89
N HIS A 243 13.31 -10.19 28.57
CA HIS A 243 12.09 -10.52 29.28
C HIS A 243 11.71 -9.43 30.31
N ASN A 244 12.72 -8.91 31.04
CA ASN A 244 12.46 -7.86 32.04
C ASN A 244 12.03 -6.56 31.40
N PHE A 245 12.67 -6.17 30.27
CA PHE A 245 12.26 -4.99 29.48
C PHE A 245 10.78 -5.04 29.09
N ILE A 246 10.36 -6.20 28.60
CA ILE A 246 8.95 -6.43 28.28
C ILE A 246 8.06 -6.30 29.53
N LYS A 247 8.43 -6.98 30.60
CA LYS A 247 7.68 -6.91 31.87
C LYS A 247 7.46 -5.46 32.33
N VAL A 248 8.52 -4.65 32.34
CA VAL A 248 8.42 -3.28 32.90
C VAL A 248 7.71 -2.32 31.96
N THR A 249 7.95 -2.44 30.66
CA THR A 249 7.25 -1.57 29.70
C THR A 249 5.77 -1.87 29.67
N LEU A 250 5.40 -3.14 29.90
CA LEU A 250 4.01 -3.59 29.94
C LEU A 250 3.42 -3.67 31.38
N THR A 251 3.89 -2.77 32.25
CA THR A 251 3.30 -2.58 33.56
C THR A 251 1.88 -2.07 33.37
N LYS A 252 0.94 -2.71 34.04
CA LYS A 252 -0.48 -2.43 33.84
C LYS A 252 -0.83 -1.05 34.40
N SER A 253 -0.41 -0.75 35.64
CA SER A 253 -0.68 0.56 36.23
C SER A 253 0.22 1.61 35.57
N PRO A 254 -0.36 2.68 34.98
CA PRO A 254 0.51 3.74 34.45
C PRO A 254 1.32 4.49 35.50
N LYS A 255 0.80 4.61 36.73
CA LYS A 255 1.59 5.13 37.87
C LYS A 255 2.93 4.40 38.07
N LYS A 256 2.93 3.08 37.90
CA LYS A 256 4.13 2.25 38.08
C LYS A 256 4.94 2.02 36.80
N ARG A 257 4.43 2.42 35.65
CA ARG A 257 5.12 2.23 34.39
C ARG A 257 6.27 3.25 34.23
N PRO A 258 7.49 2.77 33.89
CA PRO A 258 8.61 3.72 33.80
C PRO A 258 8.52 4.75 32.68
N SER A 259 9.09 5.91 32.94
CA SER A 259 9.23 6.95 31.92
C SER A 259 10.22 6.53 30.81
N ALA A 260 10.18 7.25 29.68
CA ALA A 260 11.13 7.02 28.56
C ALA A 260 12.57 7.17 29.01
N THR A 261 12.85 8.25 29.75
CA THR A 261 14.21 8.47 30.25
C THR A 261 14.62 7.36 31.24
N LYS A 262 13.72 6.92 32.12
CA LYS A 262 14.06 5.79 32.99
C LYS A 262 14.35 4.51 32.20
N MET A 263 13.55 4.23 31.19
CA MET A 263 13.75 3.06 30.35
C MET A 263 15.09 3.07 29.63
N LEU A 264 15.58 4.24 29.23
CA LEU A 264 16.94 4.37 28.66
C LEU A 264 18.09 3.93 29.56
N SER A 265 17.87 3.89 30.88
CA SER A 265 18.80 3.29 31.83
C SER A 265 18.64 1.78 32.01
N HIS A 266 17.63 1.16 31.40
CA HIS A 266 17.42 -0.30 31.51
C HIS A 266 18.61 -1.04 30.83
N GLN A 267 18.99 -2.19 31.38
CA GLN A 267 20.17 -2.96 30.94
C GLN A 267 20.14 -3.28 29.44
N LEU A 268 18.97 -3.73 28.99
CA LEU A 268 18.72 -4.02 27.58
C LEU A 268 19.13 -2.93 26.60
N VAL A 269 18.75 -1.69 26.89
CA VAL A 269 19.01 -0.57 26.00
C VAL A 269 20.23 0.27 26.35
N SER A 270 20.84 0.03 27.50
CA SER A 270 22.06 0.73 27.88
C SER A 270 23.32 -0.12 27.67
N GLN A 271 23.17 -1.39 27.23
CA GLN A 271 24.36 -2.26 27.01
C GLN A 271 25.22 -1.69 25.88
N PRO A 272 26.54 -1.97 25.91
CA PRO A 272 27.41 -1.52 24.82
C PRO A 272 27.17 -2.32 23.53
N GLY A 273 27.65 -1.78 22.42
CA GLY A 273 27.53 -2.43 21.12
C GLY A 273 26.19 -2.34 20.44
N LEU A 274 25.34 -1.41 20.89
CA LEU A 274 24.10 -1.10 20.18
C LEU A 274 24.42 0.06 19.23
N ASN A 275 24.43 -0.26 17.94
CA ASN A 275 24.75 0.73 16.91
C ASN A 275 24.06 0.32 15.61
N ARG A 276 24.08 1.26 14.66
CA ARG A 276 23.44 1.06 13.35
C ARG A 276 23.99 -0.13 12.53
N GLY A 277 25.24 -0.53 12.78
CA GLY A 277 25.81 -1.76 12.19
C GLY A 277 24.98 -3.04 12.34
N LEU A 278 24.28 -3.16 13.48
CA LEU A 278 23.33 -4.28 13.72
C LEU A 278 22.17 -4.31 12.68
N ILE A 279 21.72 -3.11 12.29
CA ILE A 279 20.68 -2.95 11.29
C ILE A 279 21.25 -3.04 9.88
N LEU A 280 22.46 -2.54 9.65
CA LEU A 280 23.16 -2.84 8.41
C LEU A 280 23.26 -4.35 8.15
N ASP A 281 23.52 -5.13 9.20
CA ASP A 281 23.49 -6.60 9.08
C ASP A 281 22.09 -7.14 8.73
N LEU A 282 21.07 -6.59 9.36
CA LEU A 282 19.67 -6.94 9.04
C LEU A 282 19.31 -6.64 7.57
N LEU A 283 19.72 -5.47 7.08
CA LEU A 283 19.50 -5.10 5.67
C LEU A 283 20.32 -5.93 4.67
N ASP A 284 21.55 -6.30 5.06
CA ASP A 284 22.35 -7.25 4.29
C ASP A 284 21.70 -8.63 4.23
N LYS A 285 21.09 -9.07 5.34
CA LYS A 285 20.28 -10.29 5.38
C LYS A 285 19.06 -10.18 4.46
N LEU A 286 18.36 -9.04 4.50
CA LEU A 286 17.23 -8.78 3.61
C LEU A 286 17.62 -8.87 2.12
N LYS A 287 18.71 -8.18 1.77
CA LYS A 287 19.25 -8.20 0.40
C LYS A 287 19.82 -9.56 -0.02
N ASN A 288 20.52 -10.26 0.87
CA ASN A 288 21.27 -11.49 0.54
C ASN A 288 20.82 -12.66 1.45
N PRO A 289 19.57 -13.13 1.30
CA PRO A 289 19.01 -14.20 2.17
C PRO A 289 19.72 -15.55 2.05
N PRO B 1 1.61 -30.89 -6.97
CA PRO B 1 0.32 -30.58 -6.32
C PRO B 1 -0.24 -29.17 -6.61
N ASP B 2 -1.56 -29.02 -6.50
CA ASP B 2 -2.25 -27.72 -6.72
C ASP B 2 -2.01 -26.71 -5.59
N ILE B 3 -2.13 -27.17 -4.33
CA ILE B 3 -1.84 -26.38 -3.13
C ILE B 3 -0.90 -27.21 -2.23
N PHE B 4 0.29 -26.67 -1.94
CA PHE B 4 1.17 -27.28 -0.94
C PHE B 4 0.66 -26.92 0.47
N ASN B 5 0.60 -27.90 1.38
CA ASN B 5 0.44 -27.63 2.82
C ASN B 5 1.82 -27.50 3.42
N ARG B 6 2.48 -26.39 3.10
CA ARG B 6 3.83 -26.11 3.58
C ARG B 6 4.09 -24.61 3.54
N ASP B 7 5.11 -24.22 4.29
CA ASP B 7 5.61 -22.86 4.26
C ASP B 7 6.16 -22.56 2.85
N PRO B 8 5.67 -21.47 2.17
CA PRO B 8 6.30 -21.07 0.88
C PRO B 8 7.80 -20.70 0.97
N ARG B 9 8.26 -20.32 2.16
CA ARG B 9 9.69 -20.11 2.41
C ARG B 9 10.56 -21.36 2.25
N ASP B 10 9.98 -22.56 2.26
CA ASP B 10 10.67 -23.77 1.80
C ASP B 10 11.21 -23.67 0.38
N HIS B 11 10.48 -22.98 -0.50
CA HIS B 11 10.78 -22.85 -1.92
C HIS B 11 11.22 -21.47 -2.39
N TYR B 12 10.91 -20.43 -1.61
CA TYR B 12 11.16 -19.06 -2.01
C TYR B 12 11.84 -18.28 -0.89
N ASP B 13 12.77 -17.41 -1.27
CA ASP B 13 13.29 -16.36 -0.37
C ASP B 13 12.50 -15.11 -0.64
N LEU B 14 11.82 -14.58 0.37
CA LEU B 14 11.19 -13.24 0.25
C LEU B 14 12.28 -12.21 0.17
N LEU B 15 12.09 -11.22 -0.68
CA LEU B 15 13.06 -10.13 -0.89
C LEU B 15 12.58 -8.73 -0.57
N GLN B 16 11.29 -8.45 -0.78
CA GLN B 16 10.75 -7.11 -0.52
C GLN B 16 9.23 -7.17 -0.36
N ARG B 17 8.69 -6.37 0.55
N ARG B 17 8.69 -6.37 0.55
CA ARG B 17 7.25 -6.19 0.69
CA ARG B 17 7.25 -6.18 0.68
C ARG B 17 6.89 -5.04 -0.25
C ARG B 17 6.86 -5.02 -0.23
N LEU B 18 6.04 -5.32 -1.24
CA LEU B 18 5.63 -4.35 -2.27
C LEU B 18 4.40 -3.55 -1.88
N GLY B 19 3.43 -4.21 -1.28
CA GLY B 19 2.27 -3.49 -0.70
C GLY B 19 1.30 -4.34 0.11
N GLY B 20 0.36 -3.65 0.73
CA GLY B 20 -0.78 -4.24 1.45
C GLY B 20 -2.11 -3.76 0.90
N GLY B 21 -3.20 -4.23 1.52
CA GLY B 21 -4.58 -3.90 1.10
C GLY B 21 -5.65 -4.76 1.76
N THR B 22 -6.85 -4.72 1.18
CA THR B 22 -7.99 -5.52 1.65
C THR B 22 -7.78 -7.02 1.37
N TYR B 23 -7.30 -7.34 0.17
CA TYR B 23 -6.81 -8.69 -0.21
C TYR B 23 -5.83 -9.35 0.78
N GLY B 24 -4.89 -8.56 1.32
CA GLY B 24 -3.74 -9.04 2.10
C GLY B 24 -2.44 -8.36 1.63
N GLU B 25 -1.36 -9.11 1.45
CA GLU B 25 0.01 -8.54 1.19
C GLU B 25 0.70 -9.12 -0.06
N VAL B 26 1.58 -8.35 -0.74
CA VAL B 26 2.34 -8.77 -1.97
C VAL B 26 3.87 -8.56 -1.87
N PHE B 27 4.62 -9.59 -2.23
CA PHE B 27 6.04 -9.69 -2.02
C PHE B 27 6.76 -10.04 -3.30
N LYS B 28 7.93 -9.42 -3.46
CA LYS B 28 8.95 -9.90 -4.38
C LYS B 28 9.65 -11.05 -3.70
N ALA B 29 9.84 -12.15 -4.42
CA ALA B 29 10.56 -13.32 -3.90
C ALA B 29 11.40 -13.94 -4.98
N ARG B 30 12.28 -14.85 -4.56
CA ARG B 30 13.17 -15.54 -5.48
C ARG B 30 13.06 -17.03 -5.24
N ASP B 31 12.81 -17.76 -6.33
CA ASP B 31 12.89 -19.22 -6.31
C ASP B 31 14.28 -19.67 -5.83
N LYS B 32 14.30 -20.45 -4.75
CA LYS B 32 15.55 -20.93 -4.14
C LYS B 32 16.42 -21.84 -5.01
N VAL B 33 15.82 -22.46 -6.03
CA VAL B 33 16.51 -23.40 -6.94
C VAL B 33 16.92 -22.63 -8.20
N SER B 34 15.94 -22.08 -8.92
CA SER B 34 16.19 -21.44 -10.21
C SER B 34 16.78 -20.04 -10.13
N GLY B 35 16.56 -19.36 -9.00
CA GLY B 35 16.84 -17.93 -8.89
C GLY B 35 15.89 -16.99 -9.63
N ASP B 36 14.82 -17.52 -10.25
CA ASP B 36 13.84 -16.67 -10.94
C ASP B 36 13.03 -15.86 -9.92
N LEU B 37 12.78 -14.61 -10.27
CA LEU B 37 11.94 -13.74 -9.48
C LEU B 37 10.46 -14.18 -9.66
N VAL B 38 9.70 -14.02 -8.59
CA VAL B 38 8.25 -14.25 -8.55
C VAL B 38 7.64 -13.20 -7.67
N ALA B 39 6.33 -13.00 -7.84
CA ALA B 39 5.52 -12.31 -6.86
C ALA B 39 4.80 -13.36 -6.01
N LEU B 40 4.71 -13.11 -4.71
CA LEU B 40 3.94 -13.90 -3.80
C LEU B 40 2.92 -12.98 -3.16
N LYS B 41 1.65 -13.38 -3.25
CA LYS B 41 0.53 -12.66 -2.69
C LYS B 41 0.03 -13.50 -1.53
N MET B 42 -0.14 -12.87 -0.38
CA MET B 42 -0.64 -13.50 0.84
C MET B 42 -2.05 -13.01 1.12
N VAL B 43 -2.97 -13.94 1.36
CA VAL B 43 -4.34 -13.66 1.79
C VAL B 43 -4.56 -14.43 3.11
N LYS B 44 -5.01 -13.73 4.14
CA LYS B 44 -5.34 -14.36 5.42
C LYS B 44 -6.67 -15.10 5.26
N MET B 45 -6.74 -16.33 5.78
CA MET B 45 -7.98 -17.11 5.81
C MET B 45 -8.78 -16.69 7.05
N GLU B 46 -10.07 -16.42 6.84
CA GLU B 46 -10.99 -16.14 7.95
C GLU B 46 -11.55 -17.44 8.50
N PRO B 47 -12.14 -17.41 9.71
CA PRO B 47 -12.96 -18.57 10.18
C PRO B 47 -14.20 -18.88 9.28
N ASP B 48 -14.79 -17.84 8.70
CA ASP B 48 -15.79 -17.96 7.61
C ASP B 48 -15.38 -18.78 6.36
N ASP B 49 -14.10 -18.74 5.97
CA ASP B 49 -13.62 -19.46 4.78
C ASP B 49 -13.55 -20.97 4.99
N ASP B 50 -13.90 -21.73 3.93
CA ASP B 50 -13.89 -23.20 3.94
C ASP B 50 -12.68 -23.58 3.11
N VAL B 51 -11.65 -24.11 3.78
CA VAL B 51 -10.39 -24.52 3.11
C VAL B 51 -10.51 -25.71 2.12
N SER B 52 -11.56 -26.51 2.27
CA SER B 52 -11.86 -27.65 1.40
C SER B 52 -12.10 -27.33 -0.07
N THR B 53 -12.81 -26.23 -0.34
CA THR B 53 -13.12 -25.79 -1.72
C THR B 53 -11.97 -25.02 -2.41
N LEU B 54 -10.83 -24.87 -1.75
CA LEU B 54 -9.78 -23.96 -2.17
C LEU B 54 -9.01 -24.49 -3.39
N GLN B 55 -8.70 -25.79 -3.38
CA GLN B 55 -8.09 -26.49 -4.52
C GLN B 55 -8.86 -26.27 -5.83
N LYS B 56 -10.19 -26.42 -5.77
CA LYS B 56 -11.09 -26.20 -6.92
C LYS B 56 -11.02 -24.76 -7.45
N GLU B 57 -11.12 -23.79 -6.54
CA GLU B 57 -10.96 -22.36 -6.85
C GLU B 57 -9.61 -22.03 -7.45
N ILE B 58 -8.56 -22.64 -6.92
CA ILE B 58 -7.18 -22.47 -7.43
C ILE B 58 -6.95 -23.05 -8.84
N LEU B 59 -7.62 -24.15 -9.16
CA LEU B 59 -7.49 -24.78 -10.48
C LEU B 59 -7.77 -23.82 -11.63
N ILE B 60 -8.84 -23.01 -11.53
CA ILE B 60 -9.18 -22.02 -12.58
C ILE B 60 -8.05 -20.98 -12.81
N LEU B 61 -7.36 -20.55 -11.74
CA LEU B 61 -6.18 -19.69 -11.86
C LEU B 61 -5.07 -20.31 -12.72
N LYS B 62 -4.87 -21.63 -12.58
CA LYS B 62 -3.91 -22.39 -13.39
C LYS B 62 -4.30 -22.52 -14.87
N THR B 63 -5.59 -22.69 -15.17
CA THR B 63 -6.08 -22.89 -16.55
C THR B 63 -6.37 -21.62 -17.38
N CYS B 64 -6.69 -20.51 -16.73
CA CYS B 64 -7.09 -19.28 -17.46
C CYS B 64 -5.83 -18.46 -17.75
N ARG B 65 -5.14 -18.93 -18.82
CA ARG B 65 -3.76 -18.62 -19.23
C ARG B 65 -3.59 -17.85 -20.59
N HIS B 66 -2.78 -16.79 -20.59
CA HIS B 66 -2.51 -15.99 -21.78
C HIS B 66 -1.28 -15.11 -21.54
N ALA B 67 -0.54 -14.78 -22.60
CA ALA B 67 0.68 -13.95 -22.48
C ALA B 67 0.47 -12.60 -21.79
N ASN B 68 -0.67 -11.97 -22.03
CA ASN B 68 -1.03 -10.67 -21.38
C ASN B 68 -1.76 -10.75 -20.04
N ILE B 69 -1.72 -11.91 -19.38
CA ILE B 69 -2.25 -12.07 -18.04
C ILE B 69 -1.12 -12.67 -17.19
N VAL B 70 -0.88 -12.06 -16.03
CA VAL B 70 0.09 -12.58 -15.05
C VAL B 70 -0.13 -14.07 -14.88
N ALA B 71 0.94 -14.84 -15.07
CA ALA B 71 0.91 -16.30 -14.99
C ALA B 71 0.86 -16.75 -13.54
N TYR B 72 -0.02 -17.71 -13.28
CA TYR B 72 -0.09 -18.38 -11.99
C TYR B 72 0.93 -19.51 -11.97
N HIS B 73 1.70 -19.61 -10.90
CA HIS B 73 2.70 -20.72 -10.72
C HIS B 73 2.28 -21.75 -9.69
N GLY B 74 1.71 -21.33 -8.57
CA GLY B 74 1.38 -22.27 -7.49
C GLY B 74 0.80 -21.58 -6.30
N SER B 75 0.38 -22.38 -5.34
N SER B 75 0.48 -22.36 -5.29
CA SER B 75 -0.21 -21.91 -4.09
CA SER B 75 -0.13 -21.86 -4.09
C SER B 75 0.24 -22.73 -2.87
C SER B 75 0.24 -22.71 -2.88
N TYR B 76 0.23 -22.05 -1.72
CA TYR B 76 0.65 -22.63 -0.43
C TYR B 76 -0.41 -22.23 0.58
N LEU B 77 -0.83 -23.19 1.40
CA LEU B 77 -1.66 -22.92 2.56
C LEU B 77 -0.81 -23.28 3.79
N TRP B 78 -0.53 -22.28 4.62
CA TRP B 78 0.30 -22.44 5.80
C TRP B 78 -0.11 -21.49 6.92
N LEU B 79 -0.48 -22.05 8.07
CA LEU B 79 -0.86 -21.28 9.26
C LEU B 79 -1.96 -20.27 8.92
N GLN B 80 -3.03 -20.78 8.31
CA GLN B 80 -4.24 -20.00 7.94
C GLN B 80 -3.95 -18.78 7.02
N LYS B 81 -2.90 -18.88 6.20
CA LYS B 81 -2.58 -17.89 5.21
C LYS B 81 -2.45 -18.62 3.88
N LEU B 82 -3.11 -18.09 2.87
CA LEU B 82 -2.98 -18.56 1.49
C LEU B 82 -1.97 -17.69 0.75
N TRP B 83 -0.95 -18.32 0.19
CA TRP B 83 0.06 -17.67 -0.64
C TRP B 83 -0.13 -18.06 -2.09
N ILE B 84 -0.24 -17.09 -2.99
CA ILE B 84 -0.37 -17.35 -4.42
C ILE B 84 0.93 -16.88 -5.06
N CYS B 85 1.57 -17.79 -5.78
CA CYS B 85 2.84 -17.54 -6.47
C CYS B 85 2.58 -17.24 -7.94
N MET B 86 3.19 -16.18 -8.43
CA MET B 86 2.92 -15.71 -9.78
C MET B 86 4.09 -14.99 -10.40
N GLU B 87 4.00 -14.82 -11.71
CA GLU B 87 4.99 -14.13 -12.54
C GLU B 87 5.27 -12.73 -11.99
N PHE B 88 6.54 -12.32 -11.94
CA PHE B 88 6.93 -11.03 -11.35
C PHE B 88 6.88 -9.93 -12.41
N CYS B 89 6.22 -8.82 -12.08
CA CYS B 89 6.08 -7.64 -12.93
C CYS B 89 6.71 -6.43 -12.25
N GLY B 90 8.02 -6.30 -12.45
CA GLY B 90 8.85 -5.47 -11.60
C GLY B 90 8.63 -3.97 -11.61
N ALA B 91 8.04 -3.43 -12.67
CA ALA B 91 7.75 -1.98 -12.71
C ALA B 91 6.44 -1.62 -12.03
N GLY B 92 5.67 -2.61 -11.57
CA GLY B 92 4.40 -2.36 -10.89
C GLY B 92 3.31 -2.03 -11.87
N SER B 93 2.29 -1.35 -11.37
CA SER B 93 1.12 -1.03 -12.17
C SER B 93 1.38 0.19 -12.99
N LEU B 94 0.55 0.38 -13.99
CA LEU B 94 0.55 1.61 -14.77
C LEU B 94 0.27 2.87 -13.93
N GLN B 95 -0.58 2.76 -12.92
CA GLN B 95 -0.78 3.81 -11.94
C GLN B 95 0.50 4.16 -11.18
N ASP B 96 1.22 3.14 -10.71
CA ASP B 96 2.53 3.35 -10.06
C ASP B 96 3.48 4.11 -10.98
N ILE B 97 3.40 3.83 -12.28
CA ILE B 97 4.29 4.42 -13.26
C ILE B 97 3.88 5.85 -13.57
N TYR B 98 2.63 6.08 -13.96
CA TYR B 98 2.24 7.43 -14.42
C TYR B 98 2.24 8.47 -13.32
N GLN B 99 1.93 8.05 -12.10
CA GLN B 99 2.05 8.94 -10.94
C GLN B 99 3.47 9.49 -10.72
N VAL B 100 4.48 8.76 -11.22
CA VAL B 100 5.86 9.21 -11.24
C VAL B 100 6.25 9.86 -12.57
N THR B 101 5.96 9.22 -13.71
CA THR B 101 6.46 9.69 -15.03
C THR B 101 5.66 10.87 -15.62
N GLY B 102 4.40 11.03 -15.21
CA GLY B 102 3.44 11.90 -15.87
C GLY B 102 2.79 11.14 -17.01
N SER B 103 2.02 11.87 -17.80
CA SER B 103 1.13 11.23 -18.78
C SER B 103 1.90 10.45 -19.84
N LEU B 104 1.36 9.32 -20.25
CA LEU B 104 2.01 8.51 -21.30
C LEU B 104 1.88 9.19 -22.66
N SER B 105 2.79 8.87 -23.57
CA SER B 105 2.73 9.33 -24.96
C SER B 105 1.60 8.56 -25.65
N GLU B 106 1.11 9.07 -26.77
CA GLU B 106 0.07 8.38 -27.53
C GLU B 106 0.50 6.98 -27.97
N LEU B 107 1.74 6.85 -28.43
CA LEU B 107 2.26 5.55 -28.81
C LEU B 107 2.32 4.56 -27.65
N GLN B 108 2.75 5.02 -26.48
CA GLN B 108 2.79 4.20 -25.28
C GLN B 108 1.40 3.68 -24.87
N ILE B 109 0.43 4.57 -24.93
CA ILE B 109 -0.96 4.25 -24.65
C ILE B 109 -1.52 3.25 -25.67
N SER B 110 -1.19 3.47 -26.93
CA SER B 110 -1.61 2.57 -28.01
C SER B 110 -1.10 1.14 -27.80
N TYR B 111 0.17 1.02 -27.44
CA TYR B 111 0.77 -0.27 -27.10
C TYR B 111 0.06 -0.93 -25.93
N VAL B 112 -0.13 -0.19 -24.85
CA VAL B 112 -0.82 -0.73 -23.66
C VAL B 112 -2.24 -1.20 -24.05
N CYS B 113 -2.97 -0.36 -24.77
CA CYS B 113 -4.34 -0.74 -25.22
C CYS B 113 -4.37 -1.99 -26.09
N ARG B 114 -3.38 -2.14 -26.97
CA ARG B 114 -3.33 -3.34 -27.80
C ARG B 114 -3.13 -4.58 -26.94
N GLU B 115 -2.20 -4.49 -25.99
CA GLU B 115 -1.87 -5.64 -25.13
C GLU B 115 -3.03 -6.03 -24.23
N VAL B 116 -3.72 -5.04 -23.67
CA VAL B 116 -4.90 -5.28 -22.84
C VAL B 116 -6.02 -5.91 -23.70
N LEU B 117 -6.25 -5.37 -24.89
CA LEU B 117 -7.24 -5.94 -25.82
C LEU B 117 -6.96 -7.41 -26.19
N GLN B 118 -5.69 -7.76 -26.34
CA GLN B 118 -5.32 -9.17 -26.60
C GLN B 118 -5.74 -10.06 -25.42
N GLY B 119 -5.51 -9.57 -24.20
CA GLY B 119 -5.97 -10.22 -22.98
C GLY B 119 -7.48 -10.34 -22.90
N LEU B 120 -8.19 -9.25 -23.22
CA LEU B 120 -9.64 -9.24 -23.21
C LEU B 120 -10.21 -10.14 -24.29
N ALA B 121 -9.62 -10.16 -25.48
CA ALA B 121 -10.10 -11.04 -26.54
C ALA B 121 -10.06 -12.49 -26.08
N TYR B 122 -8.96 -12.87 -25.40
CA TYR B 122 -8.84 -14.18 -24.81
C TYR B 122 -9.95 -14.42 -23.76
N LEU B 123 -10.07 -13.49 -22.80
CA LEU B 123 -11.06 -13.68 -21.72
C LEU B 123 -12.48 -13.79 -22.22
N HIS B 124 -12.82 -12.88 -23.14
CA HIS B 124 -14.16 -12.88 -23.71
C HIS B 124 -14.46 -14.15 -24.51
N SER B 125 -13.46 -14.71 -25.19
CA SER B 125 -13.57 -16.02 -25.87
C SER B 125 -13.85 -17.18 -24.94
N GLN B 126 -13.43 -17.04 -23.67
CA GLN B 126 -13.74 -18.00 -22.58
C GLN B 126 -15.05 -17.68 -21.86
N LYS B 127 -15.81 -16.68 -22.35
CA LYS B 127 -17.05 -16.20 -21.74
C LYS B 127 -16.85 -15.62 -20.32
N LYS B 128 -15.73 -14.93 -20.14
CA LYS B 128 -15.39 -14.29 -18.86
C LYS B 128 -15.49 -12.79 -19.03
N ILE B 129 -16.02 -12.08 -18.04
CA ILE B 129 -16.00 -10.63 -17.98
C ILE B 129 -14.94 -10.29 -16.94
N HIS B 130 -13.97 -9.45 -17.33
CA HIS B 130 -12.93 -8.97 -16.37
C HIS B 130 -13.52 -8.07 -15.28
N ARG B 131 -14.23 -7.03 -15.71
CA ARG B 131 -15.00 -6.11 -14.83
C ARG B 131 -14.14 -5.12 -14.01
N ASP B 132 -12.83 -5.18 -14.12
CA ASP B 132 -11.87 -4.45 -13.23
C ASP B 132 -10.71 -3.83 -14.01
N ILE B 133 -10.94 -3.46 -15.28
CA ILE B 133 -9.89 -2.89 -16.13
C ILE B 133 -9.69 -1.45 -15.69
N LYS B 134 -8.45 -1.16 -15.31
CA LYS B 134 -8.01 0.17 -14.86
C LYS B 134 -6.48 0.15 -14.77
N GLY B 135 -5.87 1.34 -14.70
CA GLY B 135 -4.41 1.47 -14.65
C GLY B 135 -3.74 0.73 -13.51
N ALA B 136 -4.40 0.75 -12.33
CA ALA B 136 -3.90 0.06 -11.15
C ALA B 136 -3.88 -1.46 -11.28
N ASN B 137 -4.66 -2.04 -12.19
CA ASN B 137 -4.76 -3.49 -12.39
C ASN B 137 -4.05 -4.01 -13.62
N ILE B 138 -3.25 -3.15 -14.28
CA ILE B 138 -2.43 -3.52 -15.42
C ILE B 138 -1.00 -3.35 -14.97
N LEU B 139 -0.22 -4.42 -15.08
CA LEU B 139 1.16 -4.46 -14.62
C LEU B 139 2.13 -4.43 -15.79
N ILE B 140 3.35 -3.99 -15.50
CA ILE B 140 4.45 -3.84 -16.45
C ILE B 140 5.65 -4.56 -15.85
N ASN B 141 6.23 -5.49 -16.60
CA ASN B 141 7.48 -6.12 -16.18
C ASN B 141 8.69 -5.26 -16.61
N ASP B 142 9.86 -5.67 -16.16
CA ASP B 142 11.12 -4.97 -16.45
C ASP B 142 11.53 -5.04 -17.95
N ALA B 143 10.96 -5.96 -18.72
CA ALA B 143 11.10 -5.97 -20.19
C ALA B 143 10.11 -5.05 -20.94
N GLY B 144 9.28 -4.29 -20.22
CA GLY B 144 8.26 -3.46 -20.84
C GLY B 144 7.02 -4.16 -21.38
N GLU B 145 6.81 -5.42 -21.00
CA GLU B 145 5.62 -6.17 -21.42
C GLU B 145 4.47 -5.88 -20.45
N VAL B 146 3.26 -6.04 -20.98
CA VAL B 146 2.02 -5.65 -20.34
C VAL B 146 1.27 -6.91 -19.90
N ARG B 147 0.85 -6.94 -18.63
CA ARG B 147 0.13 -8.09 -18.04
C ARG B 147 -1.01 -7.59 -17.17
N LEU B 148 -2.22 -8.10 -17.38
CA LEU B 148 -3.31 -7.89 -16.45
C LEU B 148 -2.95 -8.61 -15.17
N ALA B 149 -3.14 -7.97 -14.02
CA ALA B 149 -2.81 -8.59 -12.71
C ALA B 149 -3.47 -9.93 -12.52
N ASP B 150 -4.72 -10.05 -12.99
CA ASP B 150 -5.43 -11.34 -13.02
C ASP B 150 -6.52 -11.25 -14.07
N PHE B 151 -7.32 -12.32 -14.19
CA PHE B 151 -8.48 -12.29 -15.11
C PHE B 151 -9.76 -11.61 -14.57
N GLY B 152 -9.64 -10.91 -13.44
CA GLY B 152 -10.63 -9.94 -13.00
C GLY B 152 -11.44 -10.40 -11.82
N ILE B 153 -12.67 -9.89 -11.69
CA ILE B 153 -13.48 -10.14 -10.50
C ILE B 153 -13.66 -11.65 -10.17
N SER B 154 -13.81 -12.47 -11.20
CA SER B 154 -13.98 -13.93 -11.03
C SER B 154 -12.68 -14.69 -10.73
N ALA B 155 -11.51 -14.05 -10.78
CA ALA B 155 -10.27 -14.60 -10.25
C ALA B 155 -10.18 -14.51 -8.71
N GLN B 156 -11.06 -13.73 -8.06
CA GLN B 156 -10.93 -13.49 -6.63
C GLN B 156 -11.43 -14.73 -5.86
N ILE B 157 -10.85 -14.94 -4.68
CA ILE B 157 -11.06 -16.16 -3.88
C ILE B 157 -11.73 -15.78 -2.54
N GLY B 158 -12.65 -16.62 -2.09
CA GLY B 158 -13.21 -16.56 -0.75
C GLY B 158 -13.84 -15.24 -0.34
N ALA B 159 -13.41 -14.72 0.82
CA ALA B 159 -13.97 -13.47 1.34
C ALA B 159 -13.66 -12.26 0.46
N THR B 160 -12.53 -12.28 -0.25
CA THR B 160 -12.19 -11.20 -1.22
C THR B 160 -13.20 -11.16 -2.36
N LEU B 161 -13.56 -12.33 -2.89
CA LEU B 161 -14.66 -12.42 -3.88
C LEU B 161 -15.96 -11.89 -3.31
N ALA B 162 -16.31 -12.31 -2.08
CA ALA B 162 -17.58 -11.87 -1.43
C ALA B 162 -17.68 -10.36 -1.30
N ARG B 163 -16.59 -9.72 -0.84
CA ARG B 163 -16.54 -8.25 -0.75
C ARG B 163 -16.69 -7.58 -2.11
N ARG B 164 -16.03 -8.14 -3.12
CA ARG B 164 -16.19 -7.64 -4.47
C ARG B 164 -17.62 -7.76 -5.03
N LEU B 165 -18.37 -8.77 -4.60
CA LEU B 165 -19.78 -8.90 -4.97
C LEU B 165 -20.66 -7.95 -4.17
N ALA B 166 -20.36 -7.74 -2.88
CA ALA B 166 -21.18 -6.87 -2.02
C ALA B 166 -21.10 -5.37 -2.34
N PHE B 167 -19.92 -4.91 -2.76
CA PHE B 167 -19.58 -3.49 -2.89
C PHE B 167 -19.10 -3.32 -4.32
N ILE B 168 -19.80 -2.49 -5.10
CA ILE B 168 -19.38 -2.28 -6.48
C ILE B 168 -18.04 -1.52 -6.55
N GLY B 169 -17.72 -0.77 -5.51
CA GLY B 169 -16.45 -0.06 -5.38
C GLY B 169 -16.52 1.22 -6.20
N THR B 170 -15.36 1.73 -6.54
CA THR B 170 -15.24 2.98 -7.29
C THR B 170 -15.87 2.86 -8.73
N PRO B 171 -16.68 3.85 -9.16
CA PRO B 171 -17.38 3.72 -10.45
C PRO B 171 -16.74 4.36 -11.67
N TYR B 172 -15.58 4.99 -11.54
CA TYR B 172 -15.05 5.85 -12.61
C TYR B 172 -14.70 5.10 -13.92
N TRP B 173 -14.35 3.80 -13.79
CA TRP B 173 -14.00 2.95 -14.94
C TRP B 173 -15.15 2.02 -15.39
N MET B 174 -16.32 2.10 -14.74
CA MET B 174 -17.47 1.26 -14.98
C MET B 174 -18.26 1.77 -16.16
N ALA B 175 -18.71 0.84 -17.01
CA ALA B 175 -19.61 1.16 -18.10
C ALA B 175 -20.96 1.55 -17.45
N PRO B 176 -21.74 2.44 -18.09
CA PRO B 176 -23.04 2.83 -17.48
C PRO B 176 -23.99 1.69 -17.21
N GLU B 177 -24.04 0.71 -18.13
CA GLU B 177 -24.85 -0.49 -17.94
C GLU B 177 -24.45 -1.35 -16.70
N VAL B 178 -23.19 -1.27 -16.27
CA VAL B 178 -22.74 -1.97 -15.06
C VAL B 178 -23.26 -1.21 -13.83
N ALA B 179 -23.02 0.10 -13.80
CA ALA B 179 -23.56 1.01 -12.75
C ALA B 179 -25.06 0.86 -12.55
N ALA B 180 -25.80 0.74 -13.66
CA ALA B 180 -27.26 0.54 -13.66
C ALA B 180 -27.81 -0.89 -13.49
N VAL B 181 -26.96 -1.89 -13.37
CA VAL B 181 -27.42 -3.30 -13.35
C VAL B 181 -28.40 -3.69 -12.20
N ALA B 182 -28.28 -3.01 -11.04
CA ALA B 182 -29.25 -3.16 -9.93
C ALA B 182 -30.70 -2.76 -10.29
N LEU B 183 -30.84 -1.81 -11.22
CA LEU B 183 -32.12 -1.43 -11.82
C LEU B 183 -32.59 -2.37 -12.93
N LYS B 184 -31.68 -2.70 -13.87
CA LYS B 184 -32.06 -3.42 -15.14
C LYS B 184 -31.65 -4.90 -15.28
N GLY B 185 -30.68 -5.32 -14.49
CA GLY B 185 -30.30 -6.72 -14.38
C GLY B 185 -29.28 -7.21 -15.38
N CYS B 186 -28.88 -6.45 -16.43
CA CYS B 186 -28.07 -7.01 -17.57
C CYS B 186 -26.94 -6.15 -18.17
N TYR B 187 -25.75 -6.72 -18.16
CA TYR B 187 -24.63 -6.24 -18.99
C TYR B 187 -23.85 -7.45 -19.47
N ASN B 188 -22.85 -7.20 -20.33
CA ASN B 188 -22.04 -8.27 -20.85
C ASN B 188 -20.58 -7.87 -20.92
N GLU B 189 -19.79 -8.69 -21.61
CA GLU B 189 -18.37 -8.47 -21.70
C GLU B 189 -17.89 -7.15 -22.32
N LEU B 190 -18.77 -6.49 -23.07
CA LEU B 190 -18.45 -5.22 -23.68
C LEU B 190 -18.26 -4.11 -22.65
N CYS B 191 -18.71 -4.31 -21.41
CA CYS B 191 -18.32 -3.41 -20.28
C CYS B 191 -16.79 -3.24 -20.16
N ASP B 192 -16.02 -4.29 -20.43
CA ASP B 192 -14.53 -4.21 -20.43
C ASP B 192 -13.95 -3.26 -21.45
N ILE B 193 -14.63 -3.15 -22.59
CA ILE B 193 -14.19 -2.28 -23.67
C ILE B 193 -14.35 -0.82 -23.25
N TRP B 194 -15.48 -0.50 -22.62
CA TRP B 194 -15.69 0.80 -22.01
C TRP B 194 -14.57 1.12 -21.01
N SER B 195 -14.34 0.18 -20.09
CA SER B 195 -13.31 0.36 -19.06
C SER B 195 -11.91 0.60 -19.70
N LEU B 196 -11.62 -0.07 -20.83
CA LEU B 196 -10.34 0.18 -21.52
C LEU B 196 -10.25 1.63 -22.07
N GLY B 197 -11.34 2.12 -22.63
CA GLY B 197 -11.44 3.52 -23.05
C GLY B 197 -11.17 4.50 -21.93
N ILE B 198 -11.76 4.25 -20.77
CA ILE B 198 -11.54 5.10 -19.59
C ILE B 198 -10.07 5.02 -19.19
N THR B 199 -9.51 3.81 -19.18
CA THR B 199 -8.11 3.58 -18.89
C THR B 199 -7.18 4.35 -19.81
N ALA B 200 -7.48 4.37 -21.10
CA ALA B 200 -6.72 5.14 -22.06
C ALA B 200 -6.70 6.65 -21.70
N ILE B 201 -7.85 7.18 -21.29
CA ILE B 201 -7.93 8.56 -20.80
C ILE B 201 -7.11 8.72 -19.52
N GLU B 202 -7.21 7.77 -18.59
CA GLU B 202 -6.44 7.78 -17.34
C GLU B 202 -4.94 7.88 -17.62
N LEU B 203 -4.46 7.12 -18.60
CA LEU B 203 -3.03 7.12 -18.95
C LEU B 203 -2.61 8.43 -19.62
N ALA B 204 -3.53 9.02 -20.37
CA ALA B 204 -3.37 10.32 -20.99
C ALA B 204 -3.44 11.52 -20.03
N GLU B 205 -4.31 11.45 -19.01
CA GLU B 205 -4.62 12.60 -18.16
C GLU B 205 -4.29 12.43 -16.69
N LEU B 206 -3.76 11.26 -16.29
CA LEU B 206 -3.41 10.93 -14.87
C LEU B 206 -4.59 10.64 -13.94
N GLN B 207 -5.79 10.60 -14.48
CA GLN B 207 -7.00 10.24 -13.71
C GLN B 207 -8.13 9.98 -14.68
N PRO B 208 -9.12 9.16 -14.25
CA PRO B 208 -10.27 8.95 -15.14
C PRO B 208 -11.16 10.20 -15.18
N PRO B 209 -12.04 10.31 -16.18
CA PRO B 209 -12.96 11.47 -16.19
C PRO B 209 -13.86 11.49 -14.95
N LEU B 210 -14.20 12.69 -14.51
CA LEU B 210 -15.01 12.94 -13.32
C LEU B 210 -14.39 12.47 -11.99
N PHE B 211 -13.08 12.28 -11.93
CA PHE B 211 -12.41 11.80 -10.71
C PHE B 211 -12.54 12.72 -9.50
N ASP B 212 -12.73 14.03 -9.74
CA ASP B 212 -12.96 15.03 -8.71
C ASP B 212 -14.41 15.08 -8.22
N VAL B 213 -15.33 14.42 -8.93
CA VAL B 213 -16.74 14.31 -8.54
C VAL B 213 -16.89 13.13 -7.57
N HIS B 214 -17.71 13.31 -6.54
CA HIS B 214 -17.96 12.29 -5.52
C HIS B 214 -18.46 10.98 -6.19
N PRO B 215 -17.90 9.82 -5.79
CA PRO B 215 -18.25 8.58 -6.52
C PRO B 215 -19.72 8.18 -6.53
N LEU B 216 -20.45 8.36 -5.44
CA LEU B 216 -21.93 8.25 -5.42
C LEU B 216 -22.68 9.12 -6.42
N ARG B 217 -22.21 10.35 -6.63
CA ARG B 217 -22.76 11.27 -7.65
C ARG B 217 -22.49 10.73 -9.07
N VAL B 218 -21.29 10.24 -9.33
CA VAL B 218 -20.91 9.67 -10.63
C VAL B 218 -21.78 8.46 -10.94
N LEU B 219 -21.89 7.56 -9.94
CA LEU B 219 -22.69 6.33 -10.06
C LEU B 219 -24.13 6.66 -10.38
N PHE B 220 -24.69 7.61 -9.62
CA PHE B 220 -26.03 8.16 -9.86
C PHE B 220 -26.24 8.70 -11.28
N LEU B 221 -25.32 9.53 -11.76
CA LEU B 221 -25.44 10.11 -13.11
C LEU B 221 -25.46 9.08 -14.25
N MET B 222 -24.67 8.02 -14.09
CA MET B 222 -24.64 6.88 -15.03
C MET B 222 -25.95 6.13 -15.23
N THR B 223 -26.84 6.13 -14.24
CA THR B 223 -28.16 5.52 -14.37
C THR B 223 -29.16 6.36 -15.17
N LYS B 224 -28.95 7.67 -15.24
CA LYS B 224 -29.85 8.60 -15.93
C LYS B 224 -29.67 8.49 -17.44
N SER B 225 -30.76 8.78 -18.16
CA SER B 225 -30.86 8.50 -19.61
C SER B 225 -29.84 9.26 -20.45
N GLY B 226 -29.59 10.53 -20.10
CA GLY B 226 -28.68 11.37 -20.86
C GLY B 226 -27.24 11.43 -20.41
N TYR B 227 -26.71 10.34 -19.84
CA TYR B 227 -25.30 10.30 -19.45
C TYR B 227 -24.47 10.29 -20.74
N GLN B 228 -23.53 11.23 -20.82
CA GLN B 228 -22.72 11.43 -22.01
C GLN B 228 -21.41 10.74 -21.77
N PRO B 229 -20.94 9.92 -22.75
CA PRO B 229 -19.60 9.39 -22.63
C PRO B 229 -18.54 10.51 -22.49
N PRO B 230 -17.49 10.29 -21.67
CA PRO B 230 -16.46 11.31 -21.57
C PRO B 230 -15.52 11.33 -22.79
N ARG B 231 -14.65 12.33 -22.80
CA ARG B 231 -13.78 12.65 -23.94
C ARG B 231 -12.44 13.03 -23.38
N LEU B 232 -11.41 12.97 -24.23
CA LEU B 232 -10.11 13.58 -23.91
C LEU B 232 -10.25 15.08 -23.77
N LYS B 233 -9.62 15.65 -22.74
CA LYS B 233 -9.70 17.10 -22.43
C LYS B 233 -9.00 17.98 -23.47
N GLU B 234 -7.82 17.58 -23.94
CA GLU B 234 -7.05 18.35 -24.93
C GLU B 234 -7.31 17.84 -26.33
N LYS B 235 -7.74 18.72 -27.23
CA LYS B 235 -7.98 18.35 -28.63
C LYS B 235 -6.66 18.09 -29.38
N GLY B 236 -5.81 19.11 -29.41
CA GLY B 236 -4.63 19.13 -30.28
C GLY B 236 -3.46 18.26 -29.87
N LYS B 237 -3.46 17.81 -28.62
CA LYS B 237 -2.45 16.88 -28.11
C LYS B 237 -2.49 15.48 -28.75
N TRP B 238 -3.68 15.04 -29.14
CA TRP B 238 -3.94 13.65 -29.55
C TRP B 238 -4.37 13.59 -31.00
N SER B 239 -4.02 12.48 -31.66
CA SER B 239 -4.38 12.28 -33.07
C SER B 239 -5.89 12.00 -33.22
N ALA B 240 -6.39 12.19 -34.44
CA ALA B 240 -7.75 11.79 -34.81
C ALA B 240 -8.03 10.30 -34.51
N ALA B 241 -7.04 9.45 -34.73
CA ALA B 241 -7.12 8.03 -34.41
C ALA B 241 -7.36 7.76 -32.93
N PHE B 242 -6.67 8.50 -32.06
CA PHE B 242 -6.85 8.32 -30.62
C PHE B 242 -8.21 8.84 -30.16
N HIS B 243 -8.61 10.03 -30.61
CA HIS B 243 -9.95 10.52 -30.36
C HIS B 243 -11.04 9.55 -30.83
N ASN B 244 -10.86 8.95 -32.01
CA ASN B 244 -11.81 7.95 -32.52
C ASN B 244 -11.83 6.67 -31.67
N PHE B 245 -10.67 6.18 -31.27
CA PHE B 245 -10.53 5.01 -30.35
C PHE B 245 -11.31 5.23 -29.06
N ILE B 246 -11.17 6.42 -28.48
CA ILE B 246 -11.93 6.82 -27.30
C ILE B 246 -13.43 6.85 -27.61
N LYS B 247 -13.81 7.51 -28.70
CA LYS B 247 -15.22 7.60 -29.12
C LYS B 247 -15.86 6.20 -29.21
N VAL B 248 -15.20 5.27 -29.89
CA VAL B 248 -15.82 3.95 -30.15
C VAL B 248 -15.78 3.04 -28.94
N THR B 249 -14.69 3.06 -28.16
CA THR B 249 -14.65 2.26 -26.92
C THR B 249 -15.68 2.74 -25.91
N LEU B 250 -15.93 4.06 -25.89
CA LEU B 250 -16.95 4.67 -25.02
C LEU B 250 -18.31 4.88 -25.69
N THR B 251 -18.68 3.98 -26.61
CA THR B 251 -20.03 3.95 -27.18
C THR B 251 -21.01 3.62 -26.06
N LYS B 252 -22.06 4.43 -25.97
CA LYS B 252 -23.00 4.35 -24.85
C LYS B 252 -23.81 3.05 -24.93
N SER B 253 -24.39 2.77 -26.11
CA SER B 253 -25.18 1.56 -26.29
C SER B 253 -24.22 0.34 -26.34
N PRO B 254 -24.38 -0.65 -25.44
CA PRO B 254 -23.53 -1.85 -25.54
C PRO B 254 -23.72 -2.66 -26.82
N LYS B 255 -24.93 -2.67 -27.37
CA LYS B 255 -25.19 -3.27 -28.71
C LYS B 255 -24.27 -2.73 -29.83
N LYS B 256 -23.95 -1.43 -29.77
CA LYS B 256 -23.14 -0.76 -30.77
C LYS B 256 -21.65 -0.70 -30.41
N ARG B 257 -21.28 -1.07 -29.18
CA ARG B 257 -19.88 -0.97 -28.75
C ARG B 257 -19.05 -2.12 -29.35
N PRO B 258 -17.86 -1.83 -29.94
CA PRO B 258 -17.12 -2.92 -30.60
C PRO B 258 -16.52 -3.95 -29.66
N SER B 259 -16.43 -5.17 -30.15
CA SER B 259 -15.78 -6.26 -29.42
C SER B 259 -14.27 -6.01 -29.33
N ALA B 260 -13.61 -6.74 -28.44
CA ALA B 260 -12.15 -6.73 -28.27
C ALA B 260 -11.43 -7.06 -29.58
N THR B 261 -11.88 -8.11 -30.24
CA THR B 261 -11.27 -8.49 -31.52
C THR B 261 -11.47 -7.42 -32.59
N LYS B 262 -12.65 -6.81 -32.66
CA LYS B 262 -12.85 -5.70 -33.58
C LYS B 262 -11.94 -4.51 -33.26
N MET B 263 -11.82 -4.17 -31.98
CA MET B 263 -10.98 -3.10 -31.55
C MET B 263 -9.51 -3.31 -31.91
N LEU B 264 -9.02 -4.55 -31.89
CA LEU B 264 -7.67 -4.87 -32.35
C LEU B 264 -7.36 -4.54 -33.82
N SER B 265 -8.40 -4.39 -34.65
CA SER B 265 -8.28 -3.91 -36.03
C SER B 265 -8.31 -2.38 -36.16
N HIS B 266 -8.52 -1.66 -35.07
CA HIS B 266 -8.57 -0.18 -35.10
C HIS B 266 -7.18 0.37 -35.42
N GLN B 267 -7.15 1.49 -36.13
CA GLN B 267 -5.92 2.11 -36.64
C GLN B 267 -4.89 2.40 -35.51
N LEU B 268 -5.38 2.94 -34.42
CA LEU B 268 -4.59 3.19 -33.21
C LEU B 268 -3.75 2.02 -32.71
N VAL B 269 -4.35 0.84 -32.63
CA VAL B 269 -3.64 -0.37 -32.13
C VAL B 269 -3.07 -1.29 -33.21
N SER B 270 -3.30 -0.95 -34.47
CA SER B 270 -2.73 -1.68 -35.62
C SER B 270 -1.52 -1.00 -36.25
N GLN B 271 -1.26 0.25 -35.89
CA GLN B 271 -0.17 1.04 -36.45
C GLN B 271 1.21 0.42 -36.13
N PRO B 272 2.24 0.70 -36.96
CA PRO B 272 3.56 0.13 -36.72
C PRO B 272 4.26 0.81 -35.55
N GLY B 273 5.27 0.11 -35.03
CA GLY B 273 6.10 0.62 -33.96
C GLY B 273 5.50 0.50 -32.56
N LEU B 274 4.47 -0.32 -32.39
CA LEU B 274 3.92 -0.60 -31.08
C LEU B 274 4.62 -1.84 -30.53
N ASN B 275 5.51 -1.62 -29.57
CA ASN B 275 6.26 -2.72 -28.96
C ASN B 275 6.72 -2.31 -27.57
N ARG B 276 7.24 -3.31 -26.85
CA ARG B 276 7.72 -3.11 -25.48
C ARG B 276 8.81 -2.04 -25.31
N GLY B 277 9.59 -1.78 -26.36
CA GLY B 277 10.54 -0.65 -26.40
C GLY B 277 10.00 0.72 -26.04
N LEU B 278 8.75 0.98 -26.39
CA LEU B 278 8.00 2.19 -25.95
C LEU B 278 7.89 2.32 -24.42
N ILE B 279 7.70 1.19 -23.76
CA ILE B 279 7.62 1.13 -22.30
C ILE B 279 8.99 1.05 -21.68
N LEU B 280 9.96 0.36 -22.31
CA LEU B 280 11.37 0.44 -21.84
C LEU B 280 11.84 1.90 -21.81
N ASP B 281 11.46 2.68 -22.82
CA ASP B 281 11.73 4.13 -22.85
C ASP B 281 11.03 4.87 -21.71
N LEU B 282 9.77 4.53 -21.43
CA LEU B 282 9.03 5.09 -20.27
C LEU B 282 9.74 4.77 -18.93
N LEU B 283 10.17 3.53 -18.78
CA LEU B 283 10.90 3.09 -17.59
C LEU B 283 12.30 3.73 -17.45
N ASP B 284 12.98 3.94 -18.57
CA ASP B 284 14.23 4.69 -18.60
C ASP B 284 14.01 6.15 -18.17
N LYS B 285 12.90 6.76 -18.61
CA LYS B 285 12.48 8.10 -18.11
C LYS B 285 12.18 8.08 -16.60
N LEU B 286 11.49 7.04 -16.14
CA LEU B 286 11.19 6.85 -14.71
C LEU B 286 12.47 6.75 -13.87
N LYS B 287 13.40 5.89 -14.30
CA LYS B 287 14.70 5.71 -13.65
C LYS B 287 15.59 6.95 -13.73
N ASN B 288 15.59 7.63 -14.88
CA ASN B 288 16.42 8.82 -15.13
C ASN B 288 15.55 9.96 -15.64
#